data_6T8W
#
_entry.id   6T8W
#
_cell.length_a   54.696
_cell.length_b   97.656
_cell.length_c   61.881
_cell.angle_alpha   90.000
_cell.angle_beta   100.309
_cell.angle_gamma   90.000
#
_symmetry.space_group_name_H-M   'P 1 21 1'
#
loop_
_entity.id
_entity.type
_entity.pdbx_description
1 polymer 'Complement factor B'
2 non-polymer 'SULFATE ION'
3 non-polymer 5,7-dimethyl-4-[[(2~{S})-2-phenylpiperidin-1-yl]methyl]-1~{H}-indole
4 non-polymer 'ZINC ION'
5 water water
#
_entity_poly.entity_id   1
_entity_poly.type   'polypeptide(L)'
_entity_poly.pdbx_seq_one_letter_code
;SLSLCGMVWEHRKGTDYHKQPWQAKISVIRPSKGHESCMGAVVSEYFVLTAAHCFTVDDKEHSIKVSVGGEKRDLEIEVV
LFHPNYNINGKKEAGIPEFYDYDVALIKLKNKLKYGQTIRPICLPCTEGTTRALRLPPTTTCQQQKEELLPAQDIKALFV
SEEEKKLTRKEVYIKNGDKKGSCERDAQYAPGYDKVKDISEVVTPRFLCTGGVSPYADPNTCRGDSGGPLIVHKRSRFIQ
VGVISWGVVDVCKNQKRQKQVPAHARDFHINLFQVLPWLKEKLQDEDLGFL
;
_entity_poly.pdbx_strand_id   AAA,BBB
#
loop_
_chem_comp.id
_chem_comp.type
_chem_comp.name
_chem_comp.formula
MVW non-polymer 5,7-dimethyl-4-[[(2~{S})-2-phenylpiperidin-1-yl]methyl]-1~{H}-indole 'C22 H26 N2'
SO4 non-polymer 'SULFATE ION' 'O4 S -2'
ZN non-polymer 'ZINC ION' 'Zn 2'
#
# COMPACT_ATOMS: atom_id res chain seq x y z
N SER A 3 -20.65 25.50 -1.79
CA SER A 3 -19.97 24.24 -1.32
C SER A 3 -20.95 23.06 -1.39
N LEU A 4 -22.07 23.21 -2.12
CA LEU A 4 -22.97 22.09 -2.28
C LEU A 4 -22.45 21.21 -3.42
N CYS A 5 -21.70 20.18 -3.06
CA CYS A 5 -21.05 19.35 -4.06
C CYS A 5 -22.01 18.27 -4.59
N GLY A 6 -21.67 17.75 -5.78
CA GLY A 6 -22.31 16.55 -6.31
C GLY A 6 -23.79 16.78 -6.62
N MET A 7 -24.21 18.01 -6.94
CA MET A 7 -25.61 18.18 -7.34
C MET A 7 -25.72 18.95 -8.65
N VAL A 8 -26.70 18.54 -9.48
CA VAL A 8 -26.99 19.31 -10.68
C VAL A 8 -27.52 20.70 -10.28
N TRP A 9 -27.28 21.73 -11.11
CA TRP A 9 -27.64 23.08 -10.68
C TRP A 9 -28.94 23.60 -11.32
N HIS A 11 -34.37 24.28 -12.20
CA HIS A 11 -33.49 23.77 -13.29
C HIS A 11 -34.27 22.86 -14.23
N ARG A 12 -33.95 22.94 -15.53
CA ARG A 12 -34.61 22.20 -16.59
C ARG A 12 -33.96 20.82 -16.74
N LYS A 13 -34.43 20.05 -17.73
CA LYS A 13 -33.90 18.73 -17.99
C LYS A 13 -32.94 18.79 -19.18
N GLY A 14 -31.81 19.50 -18.99
CA GLY A 14 -30.80 19.69 -20.03
C GLY A 14 -29.87 18.49 -20.19
N THR A 15 -28.89 18.58 -21.09
CA THR A 15 -28.06 17.43 -21.42
C THR A 15 -26.57 17.72 -21.14
N ASP A 16 -25.75 16.65 -21.25
CA ASP A 16 -24.30 16.73 -21.28
C ASP A 16 -23.80 17.34 -19.97
N TYR A 17 -23.13 18.51 -20.06
CA TYR A 17 -22.47 19.09 -18.90
C TYR A 17 -23.46 19.65 -17.89
N HIS A 18 -24.71 19.89 -18.34
CA HIS A 18 -25.75 20.23 -17.38
C HIS A 18 -26.03 19.06 -16.44
N LYS A 19 -25.90 17.83 -16.93
CA LYS A 19 -26.21 16.66 -16.13
C LYS A 19 -24.98 16.13 -15.38
N GLN A 20 -23.77 16.46 -15.87
CA GLN A 20 -22.52 16.02 -15.27
C GLN A 20 -21.53 17.18 -15.20
N PRO A 21 -21.84 18.23 -14.40
CA PRO A 21 -21.09 19.49 -14.40
C PRO A 21 -19.70 19.46 -13.78
N TRP A 22 -19.31 18.32 -13.17
CA TRP A 22 -17.96 18.13 -12.65
C TRP A 22 -17.01 17.57 -13.70
N GLN A 23 -17.52 17.12 -14.85
CA GLN A 23 -16.62 16.42 -15.76
C GLN A 23 -15.62 17.38 -16.41
N ALA A 24 -14.36 16.95 -16.48
CA ALA A 24 -13.32 17.72 -17.16
C ALA A 24 -12.74 16.89 -18.29
N LYS A 25 -12.40 17.57 -19.39
CA LYS A 25 -11.87 16.92 -20.58
C LYS A 25 -10.39 17.29 -20.72
N ILE A 26 -9.55 16.28 -20.88
CA ILE A 26 -8.12 16.53 -20.95
C ILE A 26 -7.60 16.07 -22.32
N SER A 27 -6.73 16.89 -22.92
CA SER A 27 -6.13 16.54 -24.20
C SER A 27 -4.61 16.55 -24.06
N VAL A 28 -3.96 15.52 -24.62
CA VAL A 28 -2.51 15.48 -24.61
C VAL A 28 -1.97 16.40 -25.71
N ILE A 29 -1.01 17.27 -25.37
CA ILE A 29 -0.60 18.34 -26.30
C ILE A 29 0.23 17.75 -27.44
N ARG A 30 1.13 16.82 -27.13
CA ARG A 30 1.85 16.09 -28.18
C ARG A 30 1.37 14.64 -28.20
N PRO A 31 0.22 14.33 -28.86
CA PRO A 31 -0.41 13.02 -28.72
C PRO A 31 0.34 11.93 -29.50
N SER A 32 0.16 10.69 -29.07
CA SER A 32 0.57 9.50 -29.78
C SER A 32 -0.44 8.41 -29.46
N LYS A 33 -0.25 7.21 -30.06
CA LYS A 33 -1.07 6.05 -29.75
C LYS A 33 -1.00 5.72 -28.27
N GLY A 34 -2.18 5.64 -27.64
CA GLY A 34 -2.35 5.38 -26.22
C GLY A 34 -2.16 6.63 -25.37
N HIS A 35 -1.93 7.80 -26.00
CA HIS A 35 -1.61 9.01 -25.26
C HIS A 35 -2.26 10.22 -25.94
N GLU A 36 -3.58 10.22 -25.96
CA GLU A 36 -4.34 11.21 -26.72
C GLU A 36 -5.22 12.05 -25.82
N SER A 37 -5.96 11.39 -24.92
CA SER A 37 -6.92 12.14 -24.12
C SER A 37 -7.19 11.46 -22.79
N CYS A 38 -7.79 12.22 -21.87
CA CYS A 38 -8.14 11.70 -20.56
C CYS A 38 -9.35 12.50 -20.09
N MET A 39 -9.91 12.09 -18.95
CA MET A 39 -11.00 12.80 -18.30
C MET A 39 -10.53 13.20 -16.90
N GLY A 40 -11.36 14.00 -16.20
CA GLY A 40 -11.02 14.39 -14.84
C GLY A 40 -12.28 14.86 -14.12
N ALA A 41 -12.17 15.28 -12.84
CA ALA A 41 -13.35 15.77 -12.13
C ALA A 41 -12.99 17.07 -11.44
N VAL A 42 -13.88 18.05 -11.56
CA VAL A 42 -13.74 19.27 -10.76
C VAL A 42 -14.00 18.93 -9.29
N VAL A 43 -13.05 19.24 -8.39
CA VAL A 43 -13.18 18.89 -6.98
C VAL A 43 -13.14 20.12 -6.09
N SER A 44 -12.69 21.25 -6.67
CA SER A 44 -12.77 22.52 -5.96
C SER A 44 -12.56 23.64 -6.97
N GLU A 45 -12.55 24.89 -6.49
CA GLU A 45 -12.50 25.98 -7.45
C GLU A 45 -11.13 26.06 -8.10
N TYR A 46 -10.13 25.43 -7.47
CA TYR A 46 -8.80 25.45 -8.07
C TYR A 46 -8.29 24.10 -8.54
N PHE A 47 -9.07 23.01 -8.38
CA PHE A 47 -8.45 21.69 -8.62
C PHE A 47 -9.33 20.76 -9.47
N VAL A 48 -8.63 19.99 -10.32
CA VAL A 48 -9.23 18.89 -11.08
C VAL A 48 -8.46 17.62 -10.72
N LEU A 49 -9.19 16.55 -10.35
CA LEU A 49 -8.59 15.28 -10.03
C LEU A 49 -8.63 14.36 -11.26
N THR A 50 -7.48 13.72 -11.55
CA THR A 50 -7.36 12.85 -12.71
C THR A 50 -6.37 11.73 -12.40
N ALA A 51 -5.91 11.05 -13.46
CA ALA A 51 -4.93 9.94 -13.34
C ALA A 51 -3.56 10.50 -13.68
N ALA A 52 -2.55 9.98 -12.99
CA ALA A 52 -1.19 10.46 -13.17
C ALA A 52 -0.68 10.04 -14.54
N HIS A 53 -1.20 8.92 -15.08
CA HIS A 53 -0.61 8.40 -16.31
C HIS A 53 -1.01 9.24 -17.51
N CYS A 54 -1.86 10.26 -17.29
CA CYS A 54 -2.30 11.14 -18.36
C CYS A 54 -1.23 12.17 -18.75
N PHE A 55 -0.16 12.31 -17.95
CA PHE A 55 0.79 13.39 -18.16
C PHE A 55 2.13 12.82 -18.62
N THR A 56 3.01 13.69 -19.15
CA THR A 56 4.40 13.25 -19.30
C THR A 56 5.06 13.45 -17.94
N VAL A 57 6.09 12.64 -17.64
CA VAL A 57 6.72 12.76 -16.33
C VAL A 57 7.55 14.05 -16.25
N ASP A 58 8.11 14.48 -17.38
CA ASP A 58 8.85 15.75 -17.40
C ASP A 58 7.96 16.89 -17.88
N ASP A 59 8.07 18.05 -17.20
CA ASP A 59 7.32 19.24 -17.58
C ASP A 59 5.83 18.90 -17.69
N LYS A 60 5.33 18.28 -16.62
CA LYS A 60 3.93 17.83 -16.58
C LYS A 60 2.95 18.95 -16.96
N GLU A 61 3.20 20.15 -16.43
CA GLU A 61 2.25 21.27 -16.52
C GLU A 61 2.01 21.69 -17.96
N HIS A 62 2.98 21.41 -18.86
CA HIS A 62 2.82 21.81 -20.24
C HIS A 62 2.53 20.62 -21.15
N SER A 63 2.04 19.50 -20.58
CA SER A 63 1.91 18.28 -21.36
C SER A 63 0.44 18.02 -21.75
N ILE A 64 -0.51 18.74 -21.13
CA ILE A 64 -1.93 18.56 -21.43
C ILE A 64 -2.58 19.93 -21.51
N LYS A 65 -3.78 19.91 -22.11
CA LYS A 65 -4.71 20.99 -21.89
C LYS A 65 -5.94 20.44 -21.18
N VAL A 66 -6.65 21.30 -20.43
CA VAL A 66 -7.85 20.85 -19.72
CA VAL A 66 -7.84 20.86 -19.72
C VAL A 66 -8.96 21.86 -19.96
N SER A 67 -10.19 21.35 -20.17
CA SER A 67 -11.38 22.18 -20.32
C SER A 67 -12.49 21.64 -19.44
N VAL A 68 -13.36 22.56 -19.01
CA VAL A 68 -14.52 22.21 -18.21
C VAL A 68 -15.76 22.75 -18.93
N GLY A 69 -16.93 22.29 -18.46
CA GLY A 69 -18.20 22.85 -18.90
C GLY A 69 -18.50 22.61 -20.38
N GLY A 70 -17.70 21.79 -21.05
CA GLY A 70 -17.87 21.57 -22.47
C GLY A 70 -17.34 22.75 -23.31
N GLU A 71 -16.54 23.62 -22.68
CA GLU A 71 -15.98 24.80 -23.30
C GLU A 71 -14.89 24.43 -24.30
N LYS A 72 -14.65 25.34 -25.24
CA LYS A 72 -13.55 25.16 -26.19
C LYS A 72 -12.27 25.62 -25.51
N ARG A 73 -12.35 26.68 -24.70
CA ARG A 73 -11.19 27.29 -24.09
C ARG A 73 -10.56 26.33 -23.10
N ASP A 74 -9.23 26.44 -22.92
CA ASP A 74 -8.45 25.58 -22.02
C ASP A 74 -8.03 26.44 -20.83
N LEU A 75 -7.89 25.80 -19.67
CA LEU A 75 -7.61 26.56 -18.46
C LEU A 75 -6.11 26.56 -18.19
N GLU A 76 -5.60 27.67 -17.63
CA GLU A 76 -4.19 27.75 -17.28
C GLU A 76 -3.89 26.80 -16.10
N ILE A 77 -2.93 25.90 -16.30
CA ILE A 77 -2.51 24.91 -15.31
C ILE A 77 -1.27 25.43 -14.60
N GLU A 78 -1.40 25.68 -13.29
CA GLU A 78 -0.27 26.22 -12.54
C GLU A 78 0.66 25.09 -12.06
N VAL A 79 0.13 24.00 -11.50
CA VAL A 79 0.96 22.90 -11.04
C VAL A 79 0.21 21.59 -11.24
N VAL A 80 0.99 20.51 -11.48
CA VAL A 80 0.43 19.16 -11.47
C VAL A 80 1.08 18.37 -10.34
N LEU A 81 0.25 17.76 -9.47
CA LEU A 81 0.73 17.03 -8.32
C LEU A 81 0.44 15.55 -8.54
N PHE A 82 1.50 14.74 -8.72
CA PHE A 82 1.28 13.31 -8.79
C PHE A 82 1.30 12.72 -7.40
N HIS A 83 0.54 11.63 -7.19
CA HIS A 83 0.70 10.92 -5.93
C HIS A 83 2.17 10.46 -5.85
N PRO A 84 2.85 10.69 -4.72
CA PRO A 84 4.28 10.39 -4.63
C PRO A 84 4.68 8.93 -4.87
N ASN A 85 3.73 8.00 -4.74
CA ASN A 85 4.03 6.58 -4.86
C ASN A 85 3.87 6.08 -6.32
N TYR A 86 3.36 6.92 -7.21
CA TYR A 86 3.09 6.52 -8.58
C TYR A 86 4.40 6.40 -9.38
N ASN A 87 4.56 5.28 -10.10
CA ASN A 87 5.69 5.08 -10.99
C ASN A 87 5.33 3.97 -11.98
N ILE A 88 5.09 4.36 -13.24
CA ILE A 88 4.54 3.43 -14.20
C ILE A 88 5.58 2.34 -14.51
N ASN A 89 6.87 2.68 -14.28
CA ASN A 89 7.96 1.74 -14.57
C ASN A 89 8.33 0.89 -13.35
N GLY A 90 7.59 1.01 -12.25
CA GLY A 90 7.97 0.43 -10.97
C GLY A 90 8.09 -1.10 -10.92
N LYS A 91 7.49 -1.85 -11.87
CA LYS A 91 7.52 -3.31 -11.74
C LYS A 91 8.06 -3.98 -13.02
N LYS A 92 8.87 -3.24 -13.80
CA LYS A 92 9.40 -3.75 -15.05
C LYS A 92 10.17 -5.06 -14.80
N GLU A 93 10.93 -5.09 -13.69
CA GLU A 93 11.63 -6.26 -13.15
C GLU A 93 10.76 -7.52 -13.15
N ALA A 94 9.49 -7.37 -12.76
CA ALA A 94 8.60 -8.49 -12.56
C ALA A 94 7.84 -8.83 -13.84
N GLY A 95 8.24 -8.24 -14.97
CA GLY A 95 7.54 -8.45 -16.23
C GLY A 95 6.20 -7.69 -16.28
N ILE A 96 6.10 -6.59 -15.51
CA ILE A 96 4.89 -5.76 -15.55
C ILE A 96 5.27 -4.47 -16.24
N PRO A 97 4.95 -4.33 -17.55
CA PRO A 97 5.51 -3.25 -18.36
C PRO A 97 5.00 -1.87 -17.91
N GLU A 98 3.74 -1.81 -17.47
CA GLU A 98 3.19 -0.56 -16.92
C GLU A 98 2.49 -0.92 -15.61
N PHE A 99 2.77 -0.15 -14.56
CA PHE A 99 2.24 -0.45 -13.24
C PHE A 99 1.46 0.78 -12.78
N TYR A 100 0.15 0.61 -12.54
CA TYR A 100 -0.73 1.76 -12.34
C TYR A 100 -1.07 1.98 -10.87
N ASP A 101 -0.34 1.37 -9.93
CA ASP A 101 -0.57 1.70 -8.52
C ASP A 101 -0.48 3.22 -8.28
N TYR A 102 -1.39 3.73 -7.44
CA TYR A 102 -1.43 5.14 -7.07
C TYR A 102 -1.52 6.07 -8.28
N ASP A 103 -2.26 5.67 -9.33
CA ASP A 103 -2.39 6.43 -10.56
C ASP A 103 -3.40 7.59 -10.37
N VAL A 104 -3.04 8.55 -9.52
CA VAL A 104 -3.88 9.74 -9.30
C VAL A 104 -3.00 10.97 -9.30
N ALA A 105 -3.56 12.10 -9.78
CA ALA A 105 -2.88 13.37 -9.85
C ALA A 105 -3.89 14.50 -9.71
N LEU A 106 -3.42 15.62 -9.19
CA LEU A 106 -4.28 16.80 -9.04
C LEU A 106 -3.72 17.91 -9.93
N ILE A 107 -4.62 18.54 -10.70
CA ILE A 107 -4.27 19.70 -11.49
C ILE A 107 -4.66 20.92 -10.68
N LYS A 108 -3.67 21.74 -10.28
CA LYS A 108 -3.97 23.03 -9.67
C LYS A 108 -4.05 24.10 -10.74
N LEU A 109 -5.22 24.74 -10.84
CA LEU A 109 -5.46 25.76 -11.88
C LEU A 109 -4.96 27.10 -11.36
N LYS A 110 -4.46 27.96 -12.25
CA LYS A 110 -3.95 29.24 -11.77
C LYS A 110 -5.10 30.15 -11.33
N ASN A 111 -6.19 30.11 -12.12
CA ASN A 111 -7.37 30.95 -11.91
C ASN A 111 -8.50 30.15 -11.25
N LYS A 112 -9.25 30.83 -10.39
CA LYS A 112 -10.35 30.20 -9.68
C LYS A 112 -11.47 29.94 -10.68
N LEU A 113 -12.03 28.72 -10.68
CA LEU A 113 -13.24 28.46 -11.47
C LEU A 113 -14.41 29.23 -10.87
N LYS A 114 -15.33 29.61 -11.76
CA LYS A 114 -16.61 30.14 -11.34
C LYS A 114 -17.66 29.05 -11.60
N TYR A 115 -18.28 28.60 -10.53
CA TYR A 115 -19.27 27.54 -10.67
C TYR A 115 -20.53 28.11 -11.34
N GLY A 116 -21.18 27.29 -12.16
CA GLY A 116 -22.46 27.66 -12.77
C GLY A 116 -23.24 26.40 -13.14
N GLN A 117 -24.10 26.47 -14.16
CA GLN A 117 -24.91 25.32 -14.52
C GLN A 117 -24.07 24.18 -15.09
N THR A 118 -22.90 24.48 -15.68
CA THR A 118 -22.15 23.45 -16.39
C THR A 118 -20.78 23.15 -15.75
N ILE A 119 -20.50 23.81 -14.63
CA ILE A 119 -19.23 23.70 -13.93
C ILE A 119 -19.55 23.64 -12.43
N ARG A 120 -19.40 22.45 -11.83
CA ARG A 120 -19.69 22.30 -10.41
C ARG A 120 -18.77 21.22 -9.85
N PRO A 121 -18.48 21.23 -8.54
CA PRO A 121 -17.64 20.19 -7.98
C PRO A 121 -18.40 18.92 -7.62
N ILE A 122 -17.69 17.80 -7.74
CA ILE A 122 -18.23 16.54 -7.26
C ILE A 122 -17.80 16.37 -5.81
N CYS A 123 -18.59 15.60 -5.03
CA CYS A 123 -18.19 15.39 -3.64
C CYS A 123 -17.04 14.38 -3.57
N LEU A 124 -16.15 14.52 -2.58
CA LEU A 124 -15.07 13.55 -2.37
C LEU A 124 -15.31 12.79 -1.05
N PRO A 125 -14.81 11.54 -0.93
CA PRO A 125 -15.02 10.75 0.29
C PRO A 125 -14.37 11.43 1.50
N CYS A 126 -15.01 11.19 2.66
CA CYS A 126 -14.48 11.61 3.93
C CYS A 126 -14.38 13.12 4.05
N THR A 127 -15.42 13.79 3.56
CA THR A 127 -15.56 15.23 3.70
C THR A 127 -16.92 15.57 4.27
N GLU A 128 -17.03 16.79 4.83
CA GLU A 128 -18.32 17.26 5.32
C GLU A 128 -19.29 17.46 4.17
N GLY A 129 -18.76 17.78 2.98
CA GLY A 129 -19.62 17.87 1.80
C GLY A 129 -20.39 16.58 1.52
N THR A 130 -19.69 15.44 1.65
CA THR A 130 -20.27 14.13 1.47
C THR A 130 -21.27 13.81 2.59
N THR A 131 -20.90 14.15 3.83
CA THR A 131 -21.85 14.00 4.95
C THR A 131 -23.20 14.66 4.60
N ARG A 132 -23.16 15.91 4.12
CA ARG A 132 -24.39 16.65 3.88
C ARG A 132 -25.08 16.07 2.66
N ALA A 133 -24.30 15.74 1.64
CA ALA A 133 -24.89 15.18 0.43
C ALA A 133 -25.64 13.88 0.69
N LEU A 134 -25.09 13.01 1.54
CA LEU A 134 -25.76 11.76 1.91
C LEU A 134 -26.76 11.95 3.05
N ARG A 135 -26.95 13.19 3.50
CA ARG A 135 -27.95 13.52 4.52
C ARG A 135 -27.67 12.69 5.77
N LEU A 136 -26.40 12.69 6.18
CA LEU A 136 -25.93 11.92 7.30
C LEU A 136 -25.71 12.84 8.50
N PRO A 137 -25.66 12.29 9.72
CA PRO A 137 -25.51 13.15 10.91
C PRO A 137 -24.09 13.68 11.10
N PRO A 138 -23.92 14.76 11.90
CA PRO A 138 -22.59 15.34 12.11
C PRO A 138 -21.60 14.42 12.83
N THR A 139 -22.09 13.32 13.44
CA THR A 139 -21.25 12.32 14.06
C THR A 139 -20.63 11.35 13.04
N THR A 140 -20.95 11.52 11.75
CA THR A 140 -20.45 10.58 10.74
C THR A 140 -18.93 10.63 10.65
N THR A 141 -18.29 9.43 10.67
CA THR A 141 -16.84 9.27 10.54
C THR A 141 -16.52 8.86 9.10
N CYS A 142 -15.24 8.89 8.75
CA CYS A 142 -14.77 8.42 7.44
C CYS A 142 -15.10 6.93 7.23
N GLN A 143 -14.88 6.10 8.26
CA GLN A 143 -15.24 4.69 8.18
C GLN A 143 -16.72 4.52 7.91
N GLN A 144 -17.57 5.38 8.52
CA GLN A 144 -19.00 5.23 8.31
C GLN A 144 -19.37 5.61 6.88
N GLN A 145 -18.68 6.61 6.32
CA GLN A 145 -18.93 7.01 4.92
C GLN A 145 -18.55 5.87 3.97
N LYS A 146 -17.45 5.20 4.30
CA LYS A 146 -16.98 4.06 3.51
C LYS A 146 -17.99 2.92 3.54
N GLU A 147 -18.63 2.69 4.70
CA GLU A 147 -19.67 1.67 4.83
C GLU A 147 -20.91 2.04 4.02
N GLU A 148 -21.24 3.33 4.04
CA GLU A 148 -22.37 3.82 3.27
C GLU A 148 -22.10 3.73 1.78
N LEU A 149 -20.84 3.99 1.34
CA LEU A 149 -20.56 4.14 -0.08
C LEU A 149 -20.05 2.84 -0.73
N LEU A 150 -19.23 2.11 0.00
CA LEU A 150 -18.61 0.91 -0.55
C LEU A 150 -18.88 -0.27 0.39
N PRO A 151 -20.16 -0.70 0.54
CA PRO A 151 -20.49 -1.91 1.30
C PRO A 151 -19.93 -3.14 0.57
N ALA A 152 -19.82 -4.27 1.28
CA ALA A 152 -19.21 -5.50 0.73
C ALA A 152 -20.22 -6.23 -0.14
N GLN A 153 -20.44 -5.72 -1.34
CA GLN A 153 -21.49 -6.15 -2.23
C GLN A 153 -21.08 -5.75 -3.64
N ASP A 154 -21.89 -6.14 -4.63
CA ASP A 154 -21.83 -5.54 -5.95
C ASP A 154 -22.50 -4.16 -5.88
N ILE A 155 -21.74 -3.07 -6.16
CA ILE A 155 -22.18 -1.71 -5.88
C ILE A 155 -22.50 -1.02 -7.19
N LYS A 156 -23.73 -0.54 -7.32
CA LYS A 156 -24.13 0.22 -8.50
C LYS A 156 -23.32 1.53 -8.50
N ALA A 157 -22.76 1.84 -9.68
CA ALA A 157 -21.92 3.01 -9.86
C ALA A 157 -22.03 3.46 -11.30
N LEU A 158 -21.27 4.50 -11.66
CA LEU A 158 -21.35 4.99 -13.02
C LEU A 158 -20.05 5.70 -13.38
N PHE A 159 -19.80 5.76 -14.68
CA PHE A 159 -18.76 6.67 -15.17
C PHE A 159 -19.28 7.34 -16.43
N VAL A 160 -18.52 8.29 -16.96
CA VAL A 160 -18.96 9.10 -18.09
C VAL A 160 -17.86 9.10 -19.14
N SER A 161 -18.24 8.88 -20.42
CA SER A 161 -17.40 8.92 -21.60
C SER A 161 -17.74 10.14 -22.45
N GLU A 162 -16.74 10.68 -23.18
CA GLU A 162 -16.92 11.96 -23.84
C GLU A 162 -16.49 11.85 -25.29
N GLU A 163 -17.18 12.62 -26.14
CA GLU A 163 -16.98 12.58 -27.58
C GLU A 163 -17.57 13.85 -28.20
N GLU A 164 -16.69 14.71 -28.71
CA GLU A 164 -17.04 15.97 -29.38
C GLU A 164 -18.08 16.74 -28.57
N LYS A 165 -17.70 16.94 -27.31
CA LYS A 165 -18.41 17.70 -26.29
C LYS A 165 -19.66 16.97 -25.80
N LYS A 166 -19.97 15.74 -26.30
CA LYS A 166 -21.11 14.95 -25.83
C LYS A 166 -20.70 13.94 -24.74
N LEU A 167 -21.48 13.89 -23.64
CA LEU A 167 -21.15 12.96 -22.55
C LEU A 167 -22.15 11.81 -22.56
N THR A 168 -21.66 10.60 -22.27
CA THR A 168 -22.58 9.48 -22.11
C THR A 168 -22.30 8.78 -20.80
N ARG A 169 -23.35 8.72 -19.99
CA ARG A 169 -23.28 8.11 -18.67
C ARG A 169 -23.43 6.59 -18.80
N LYS A 170 -22.56 5.84 -18.13
CA LYS A 170 -22.52 4.38 -18.25
C LYS A 170 -22.63 3.74 -16.89
N GLU A 171 -23.60 2.82 -16.71
CA GLU A 171 -23.78 2.24 -15.39
C GLU A 171 -22.93 0.97 -15.26
N VAL A 172 -22.22 0.86 -14.15
CA VAL A 172 -21.34 -0.27 -13.87
C VAL A 172 -21.61 -0.76 -12.46
N TYR A 173 -21.02 -1.92 -12.14
CA TYR A 173 -21.09 -2.47 -10.80
C TYR A 173 -19.68 -2.71 -10.28
N ILE A 174 -19.38 -2.16 -9.09
CA ILE A 174 -18.13 -2.41 -8.39
C ILE A 174 -18.24 -3.76 -7.70
N LYS A 175 -17.33 -4.68 -8.03
CA LYS A 175 -17.40 -6.00 -7.39
C LYS A 175 -16.66 -5.91 -6.07
N ASN A 176 -17.42 -5.71 -4.96
CA ASN A 176 -16.76 -5.51 -3.70
C ASN A 176 -17.25 -6.54 -2.67
N GLY A 177 -17.96 -7.57 -3.10
CA GLY A 177 -18.33 -8.65 -2.20
C GLY A 177 -17.68 -9.96 -2.63
N ASP A 178 -18.53 -10.97 -2.83
CA ASP A 178 -18.00 -12.30 -3.12
C ASP A 178 -17.42 -12.40 -4.52
N LYS A 179 -17.67 -11.43 -5.40
CA LYS A 179 -17.06 -11.46 -6.74
C LYS A 179 -15.75 -10.68 -6.82
N LYS A 180 -15.32 -10.07 -5.71
CA LYS A 180 -14.16 -9.19 -5.77
C LYS A 180 -12.90 -9.94 -6.22
N GLY A 181 -12.64 -11.11 -5.61
CA GLY A 181 -11.47 -11.87 -5.99
C GLY A 181 -11.47 -12.25 -7.47
N SER A 182 -12.61 -12.73 -7.96
CA SER A 182 -12.71 -13.12 -9.38
C SER A 182 -12.48 -11.91 -10.29
N CYS A 183 -12.98 -10.75 -9.88
CA CYS A 183 -12.84 -9.55 -10.71
C CYS A 183 -11.36 -9.22 -10.78
N GLU A 184 -10.67 -9.21 -9.62
CA GLU A 184 -9.26 -8.86 -9.59
C GLU A 184 -8.40 -9.85 -10.37
N ARG A 185 -8.70 -11.16 -10.23
CA ARG A 185 -7.89 -12.18 -10.90
C ARG A 185 -7.96 -12.01 -12.41
N ASP A 186 -9.04 -11.41 -12.92
CA ASP A 186 -9.21 -11.22 -14.36
C ASP A 186 -8.23 -10.21 -14.95
N ALA A 187 -7.43 -9.56 -14.10
CA ALA A 187 -6.35 -8.74 -14.61
C ALA A 187 -5.44 -9.55 -15.55
N GLN A 188 -5.43 -10.89 -15.38
CA GLN A 188 -4.54 -11.73 -16.18
C GLN A 188 -4.94 -11.77 -17.65
N TYR A 189 -6.13 -11.26 -17.99
CA TYR A 189 -6.58 -11.16 -19.37
C TYR A 189 -6.02 -9.91 -20.06
N ALA A 190 -5.42 -8.99 -19.30
CA ALA A 190 -4.95 -7.75 -19.90
C ALA A 190 -3.66 -8.06 -20.66
N PRO A 191 -3.50 -7.55 -21.89
CA PRO A 191 -2.22 -7.68 -22.60
C PRO A 191 -1.05 -7.22 -21.73
N GLY A 192 -0.02 -8.06 -21.63
CA GLY A 192 1.16 -7.78 -20.82
C GLY A 192 1.05 -8.28 -19.37
N TYR A 193 -0.14 -8.73 -18.94
CA TYR A 193 -0.30 -9.10 -17.55
C TYR A 193 -0.51 -10.61 -17.35
N ASP A 194 -0.31 -11.38 -18.44
CA ASP A 194 -0.80 -12.76 -18.44
C ASP A 194 0.20 -13.71 -17.74
N LYS A 195 1.46 -13.28 -17.60
CA LYS A 195 2.54 -14.16 -17.17
C LYS A 195 2.84 -14.00 -15.67
N VAL A 196 2.40 -12.89 -15.07
CA VAL A 196 2.68 -12.54 -13.68
C VAL A 196 2.09 -13.60 -12.74
N LYS A 197 2.93 -14.13 -11.85
CA LYS A 197 2.56 -15.32 -11.09
C LYS A 197 1.52 -14.94 -10.05
N ASP A 198 1.78 -13.89 -9.28
CA ASP A 198 0.82 -13.45 -8.29
C ASP A 198 0.18 -12.14 -8.78
N ILE A 199 -1.14 -12.19 -9.02
CA ILE A 199 -1.83 -11.12 -9.72
C ILE A 199 -1.95 -9.91 -8.78
N SER A 200 -1.84 -10.14 -7.47
CA SER A 200 -1.93 -9.02 -6.55
C SER A 200 -0.72 -8.10 -6.73
N GLU A 201 0.29 -8.57 -7.47
CA GLU A 201 1.39 -7.67 -7.77
C GLU A 201 0.88 -6.56 -8.69
N VAL A 202 -0.11 -6.88 -9.55
CA VAL A 202 -0.64 -5.85 -10.44
C VAL A 202 -1.85 -5.18 -9.82
N VAL A 203 -2.69 -5.96 -9.13
CA VAL A 203 -3.91 -5.42 -8.58
C VAL A 203 -3.72 -5.23 -7.09
N THR A 204 -3.32 -4.02 -6.72
CA THR A 204 -2.92 -3.74 -5.35
C THR A 204 -4.15 -3.35 -4.55
N PRO A 205 -4.00 -3.11 -3.22
CA PRO A 205 -5.13 -2.66 -2.40
C PRO A 205 -5.67 -1.28 -2.74
N ARG A 206 -5.00 -0.58 -3.68
CA ARG A 206 -5.50 0.72 -4.12
C ARG A 206 -6.68 0.62 -5.09
N PHE A 207 -7.00 -0.57 -5.64
CA PHE A 207 -7.95 -0.65 -6.73
C PHE A 207 -9.34 -1.14 -6.36
N LEU A 208 -10.33 -0.56 -7.05
CA LEU A 208 -11.68 -1.10 -7.17
C LEU A 208 -11.80 -1.71 -8.56
N CYS A 209 -12.75 -2.64 -8.74
CA CYS A 209 -12.84 -3.43 -9.96
C CYS A 209 -14.28 -3.37 -10.46
N THR A 210 -14.52 -2.99 -11.72
CA THR A 210 -15.83 -3.11 -12.35
C THR A 210 -15.74 -3.97 -13.64
N GLY A 211 -16.86 -4.11 -14.35
CA GLY A 211 -16.83 -4.80 -15.65
C GLY A 211 -17.30 -6.26 -15.56
N GLY A 212 -17.49 -6.88 -16.72
CA GLY A 212 -17.98 -8.26 -16.76
C GLY A 212 -19.47 -8.24 -17.05
N VAL A 213 -20.11 -9.41 -16.89
CA VAL A 213 -21.50 -9.53 -17.31
C VAL A 213 -22.37 -10.01 -16.15
N SER A 214 -21.79 -10.17 -14.95
CA SER A 214 -22.62 -10.41 -13.79
C SER A 214 -22.24 -9.41 -12.71
N PRO A 215 -23.19 -8.83 -11.94
CA PRO A 215 -24.64 -9.10 -12.07
C PRO A 215 -25.34 -8.56 -13.30
N TYR A 216 -24.75 -7.54 -13.95
CA TYR A 216 -25.32 -7.00 -15.18
C TYR A 216 -24.21 -6.86 -16.21
N ALA A 217 -24.56 -6.51 -17.44
CA ALA A 217 -23.56 -6.35 -18.49
C ALA A 217 -23.02 -4.94 -18.40
N ASP A 218 -21.83 -4.78 -17.82
CA ASP A 218 -21.23 -3.47 -17.62
C ASP A 218 -20.55 -3.04 -18.89
N PRO A 219 -20.71 -1.77 -19.34
CA PRO A 219 -19.88 -1.24 -20.41
C PRO A 219 -18.45 -1.13 -19.84
N ASN A 220 -17.47 -1.17 -20.76
CA ASN A 220 -16.07 -1.04 -20.39
C ASN A 220 -15.53 0.33 -20.74
N THR A 221 -14.42 0.70 -20.08
CA THR A 221 -13.76 1.96 -20.39
C THR A 221 -12.87 1.82 -21.62
N CYS A 222 -12.55 2.99 -22.23
CA CYS A 222 -11.49 3.11 -23.21
C CYS A 222 -10.34 3.95 -22.61
N ARG A 223 -9.19 3.95 -23.29
CA ARG A 223 -8.03 4.67 -22.75
C ARG A 223 -8.39 6.14 -22.55
N GLY A 224 -9.22 6.70 -23.44
CA GLY A 224 -9.64 8.11 -23.34
C GLY A 224 -10.44 8.47 -22.08
N ASP A 225 -10.92 7.44 -21.36
CA ASP A 225 -11.72 7.67 -20.15
C ASP A 225 -10.83 7.73 -18.91
N SER A 226 -9.54 7.39 -19.08
CA SER A 226 -8.56 7.42 -17.99
C SER A 226 -8.67 8.72 -17.23
N GLY A 227 -8.67 8.63 -15.90
CA GLY A 227 -8.66 9.79 -15.00
C GLY A 227 -10.06 10.31 -14.67
N GLY A 228 -11.10 9.84 -15.39
CA GLY A 228 -12.45 10.26 -15.10
C GLY A 228 -12.98 9.69 -13.78
N PRO A 229 -13.99 10.31 -13.14
CA PRO A 229 -14.51 9.81 -11.87
C PRO A 229 -15.40 8.57 -11.99
N LEU A 230 -15.19 7.63 -11.06
CA LEU A 230 -16.12 6.53 -10.83
C LEU A 230 -17.00 7.00 -9.68
N ILE A 231 -18.31 7.00 -9.93
CA ILE A 231 -19.23 7.78 -9.11
C ILE A 231 -20.32 6.86 -8.57
N VAL A 232 -20.71 7.11 -7.30
CA VAL A 232 -21.90 6.54 -6.65
C VAL A 232 -22.98 7.62 -6.62
N HIS A 233 -24.18 7.31 -7.12
CA HIS A 233 -25.32 8.20 -7.16
C HIS A 233 -26.29 7.80 -6.06
N LYS A 234 -26.53 8.67 -5.07
CA LYS A 234 -27.59 8.39 -4.11
C LYS A 234 -28.50 9.61 -4.01
N ARG A 235 -29.80 9.37 -4.19
CA ARG A 235 -30.86 10.36 -4.01
C ARG A 235 -30.40 11.70 -4.60
N SER A 236 -30.19 11.69 -5.91
CA SER A 236 -29.90 12.89 -6.67
C SER A 236 -28.59 13.55 -6.25
N ARG A 237 -27.70 12.85 -5.53
CA ARG A 237 -26.38 13.42 -5.31
CA ARG A 237 -26.38 13.41 -5.31
C ARG A 237 -25.31 12.46 -5.81
N PHE A 238 -24.16 13.04 -6.18
CA PHE A 238 -23.11 12.24 -6.83
C PHE A 238 -21.83 12.35 -5.99
N ILE A 239 -21.22 11.20 -5.63
CA ILE A 239 -20.05 11.18 -4.78
C ILE A 239 -19.00 10.43 -5.59
N GLN A 240 -17.82 11.02 -5.73
CA GLN A 240 -16.75 10.28 -6.40
C GLN A 240 -16.14 9.26 -5.45
N VAL A 241 -16.02 8.00 -5.91
CA VAL A 241 -15.35 7.01 -5.08
C VAL A 241 -14.04 6.52 -5.71
N GLY A 242 -13.85 6.82 -7.01
CA GLY A 242 -12.66 6.26 -7.65
C GLY A 242 -12.21 7.12 -8.82
N VAL A 243 -11.02 6.83 -9.36
CA VAL A 243 -10.47 7.46 -10.55
C VAL A 243 -10.19 6.32 -11.54
N ILE A 244 -10.74 6.43 -12.77
CA ILE A 244 -10.53 5.36 -13.76
C ILE A 244 -9.05 5.26 -14.11
N SER A 245 -8.49 4.03 -14.03
CA SER A 245 -7.05 3.90 -14.18
C SER A 245 -6.73 3.05 -15.41
N TRP A 246 -7.20 1.80 -15.43
CA TRP A 246 -6.80 0.93 -16.54
C TRP A 246 -7.81 -0.18 -16.79
N GLY A 247 -7.85 -0.69 -18.03
CA GLY A 247 -8.82 -1.73 -18.33
C GLY A 247 -8.21 -2.91 -19.07
N VAL A 248 -8.95 -4.02 -19.05
CA VAL A 248 -8.54 -5.27 -19.68
C VAL A 248 -8.74 -5.22 -21.20
N VAL A 249 -9.78 -4.56 -21.65
CA VAL A 249 -10.14 -4.51 -23.06
CA VAL A 249 -10.18 -4.52 -23.06
C VAL A 249 -10.40 -3.05 -23.46
N ASP A 250 -9.78 -2.58 -24.56
CA ASP A 250 -10.12 -1.25 -25.03
C ASP A 250 -11.17 -1.39 -26.11
N VAL A 251 -12.43 -1.09 -25.76
CA VAL A 251 -13.56 -1.40 -26.61
C VAL A 251 -13.73 -0.30 -27.66
N CYS A 252 -12.89 0.74 -27.61
CA CYS A 252 -12.91 1.80 -28.61
C CYS A 252 -12.06 1.42 -29.82
N LYS A 253 -11.25 0.36 -29.70
CA LYS A 253 -10.41 -0.08 -30.80
C LYS A 253 -10.73 -1.55 -31.09
N ASN A 254 -10.35 -2.42 -30.13
CA ASN A 254 -10.45 -3.87 -30.21
C ASN A 254 -11.78 -4.33 -29.59
N GLN A 255 -12.84 -4.36 -30.41
CA GLN A 255 -14.13 -4.88 -29.97
C GLN A 255 -14.21 -6.40 -30.16
N LYS A 256 -13.26 -6.97 -30.93
CA LYS A 256 -13.16 -8.41 -31.11
C LYS A 256 -12.98 -9.08 -29.75
N ARG A 257 -12.10 -8.48 -28.92
CA ARG A 257 -11.53 -9.12 -27.73
C ARG A 257 -12.60 -9.21 -26.64
N GLN A 258 -13.42 -8.17 -26.50
CA GLN A 258 -14.41 -8.16 -25.45
C GLN A 258 -15.45 -9.24 -25.74
N LYS A 259 -15.71 -9.49 -27.03
CA LYS A 259 -16.62 -10.55 -27.41
C LYS A 259 -15.99 -11.93 -27.14
N GLN A 260 -14.65 -12.03 -27.15
CA GLN A 260 -13.96 -13.27 -26.81
C GLN A 260 -14.01 -13.56 -25.32
N VAL A 261 -13.80 -12.52 -24.48
CA VAL A 261 -13.65 -12.70 -23.05
C VAL A 261 -14.61 -11.81 -22.27
N PRO A 262 -15.94 -11.85 -22.56
CA PRO A 262 -16.88 -10.95 -21.92
C PRO A 262 -16.97 -11.15 -20.40
N ALA A 263 -16.84 -12.39 -19.93
CA ALA A 263 -17.01 -12.63 -18.51
C ALA A 263 -15.84 -12.04 -17.71
N HIS A 264 -14.73 -11.70 -18.39
CA HIS A 264 -13.52 -11.33 -17.68
C HIS A 264 -13.07 -9.92 -18.05
N ALA A 265 -13.91 -9.16 -18.76
CA ALA A 265 -13.48 -7.87 -19.28
C ALA A 265 -13.64 -6.80 -18.18
N ARG A 266 -12.60 -6.59 -17.37
CA ARG A 266 -12.74 -5.76 -16.17
C ARG A 266 -12.11 -4.38 -16.37
N ASP A 267 -12.54 -3.42 -15.53
CA ASP A 267 -11.86 -2.12 -15.46
C ASP A 267 -11.42 -1.91 -14.03
N PHE A 268 -10.31 -1.19 -13.85
CA PHE A 268 -9.71 -1.00 -12.54
C PHE A 268 -9.57 0.48 -12.23
N HIS A 269 -9.90 0.86 -10.99
CA HIS A 269 -10.02 2.26 -10.63
C HIS A 269 -9.31 2.50 -9.31
N ILE A 270 -8.66 3.65 -9.17
CA ILE A 270 -8.01 3.97 -7.90
C ILE A 270 -9.09 4.32 -6.89
N ASN A 271 -9.16 3.56 -5.80
CA ASN A 271 -10.10 3.78 -4.72
C ASN A 271 -9.68 5.02 -3.92
N LEU A 272 -10.53 6.06 -3.90
CA LEU A 272 -10.10 7.29 -3.26
C LEU A 272 -10.02 7.12 -1.74
N PHE A 273 -10.76 6.15 -1.17
CA PHE A 273 -10.53 5.88 0.25
C PHE A 273 -9.11 5.37 0.53
N GLN A 274 -8.38 4.93 -0.48
CA GLN A 274 -7.04 4.41 -0.25
C GLN A 274 -5.94 5.45 -0.49
N VAL A 275 -6.32 6.67 -0.93
CA VAL A 275 -5.31 7.71 -1.09
C VAL A 275 -5.69 8.97 -0.27
N LEU A 276 -6.43 8.74 0.82
CA LEU A 276 -6.96 9.89 1.55
C LEU A 276 -5.91 10.77 2.18
N PRO A 277 -4.80 10.28 2.78
CA PRO A 277 -3.78 11.16 3.35
C PRO A 277 -3.30 12.16 2.30
N TRP A 278 -3.09 11.69 1.06
CA TRP A 278 -2.59 12.57 0.02
C TRP A 278 -3.67 13.59 -0.37
N LEU A 279 -4.92 13.14 -0.62
CA LEU A 279 -5.98 14.07 -1.01
C LEU A 279 -6.17 15.15 0.06
N LYS A 280 -6.23 14.69 1.31
CA LYS A 280 -6.49 15.59 2.43
C LYS A 280 -5.40 16.64 2.54
N GLU A 281 -4.13 16.24 2.39
CA GLU A 281 -3.05 17.21 2.48
C GLU A 281 -3.06 18.18 1.30
N LYS A 282 -3.18 17.68 0.06
CA LYS A 282 -3.06 18.56 -1.11
C LYS A 282 -4.27 19.51 -1.19
N LEU A 283 -5.43 19.09 -0.66
CA LEU A 283 -6.65 19.87 -0.79
C LEU A 283 -7.00 20.59 0.53
N GLN A 284 -6.01 20.67 1.43
CA GLN A 284 -6.30 21.11 2.80
C GLN A 284 -6.78 22.58 2.82
N ASP A 285 -6.45 23.38 1.82
CA ASP A 285 -6.87 24.79 1.86
C ASP A 285 -8.09 25.09 0.99
N GLU A 286 -8.80 24.04 0.53
CA GLU A 286 -9.86 24.24 -0.47
C GLU A 286 -11.27 24.27 0.13
N ASP A 287 -11.37 24.40 1.45
CA ASP A 287 -12.67 24.52 2.12
C ASP A 287 -13.57 23.31 1.84
N LEU A 288 -13.00 22.10 1.76
CA LEU A 288 -13.83 20.94 1.53
C LEU A 288 -14.19 20.21 2.84
N GLY A 289 -13.51 20.56 3.95
CA GLY A 289 -13.91 19.98 5.23
C GLY A 289 -13.62 18.49 5.37
N PHE A 290 -12.38 18.06 5.08
CA PHE A 290 -12.05 16.68 5.25
C PHE A 290 -12.22 16.32 6.73
N LEU A 291 -12.72 15.10 6.96
CA LEU A 291 -12.81 14.57 8.32
C LEU A 291 -11.42 14.20 8.86
N SER B 3 28.86 -5.96 -0.64
CA SER B 3 29.11 -6.58 0.70
C SER B 3 28.55 -7.99 0.73
N LEU B 4 29.28 -8.91 1.37
CA LEU B 4 28.80 -10.26 1.59
C LEU B 4 27.81 -10.25 2.74
N CYS B 5 26.56 -10.61 2.46
CA CYS B 5 25.59 -10.53 3.54
C CYS B 5 25.29 -11.92 4.12
N GLY B 6 24.83 -11.94 5.36
CA GLY B 6 24.22 -13.12 5.94
C GLY B 6 25.24 -14.22 6.18
N MET B 7 26.51 -13.82 6.41
CA MET B 7 27.61 -14.78 6.53
C MET B 7 28.26 -14.57 7.89
N VAL B 8 28.46 -15.67 8.62
CA VAL B 8 29.06 -15.60 9.95
C VAL B 8 30.56 -15.85 9.81
N TRP B 9 31.36 -15.40 10.78
CA TRP B 9 32.79 -15.71 10.75
C TRP B 9 33.12 -16.93 11.62
N GLU B 10 34.06 -17.75 11.12
CA GLU B 10 34.28 -19.14 11.52
C GLU B 10 35.58 -19.30 12.31
N HIS B 11 35.46 -19.35 13.65
CA HIS B 11 36.62 -19.46 14.53
C HIS B 11 36.20 -20.03 15.90
N THR B 15 30.95 -17.20 20.41
CA THR B 15 29.53 -17.14 20.84
C THR B 15 28.94 -15.76 20.56
N ASP B 16 27.63 -15.63 20.82
CA ASP B 16 26.90 -14.38 20.84
C ASP B 16 26.99 -13.69 19.48
N TYR B 17 27.62 -12.53 19.46
CA TYR B 17 27.65 -11.68 18.28
C TYR B 17 28.52 -12.25 17.19
N HIS B 18 29.42 -13.18 17.54
CA HIS B 18 30.13 -13.94 16.53
C HIS B 18 29.15 -14.77 15.69
N LYS B 19 28.12 -15.32 16.35
CA LYS B 19 27.18 -16.22 15.69
C LYS B 19 26.01 -15.45 15.07
N GLN B 20 25.70 -14.24 15.58
CA GLN B 20 24.62 -13.41 15.04
C GLN B 20 25.08 -11.95 14.92
N PRO B 21 26.04 -11.67 14.01
CA PRO B 21 26.69 -10.36 13.92
C PRO B 21 25.85 -9.20 13.36
N TRP B 22 24.63 -9.52 12.84
CA TRP B 22 23.70 -8.50 12.37
C TRP B 22 22.82 -7.99 13.52
N GLN B 23 22.80 -8.65 14.67
CA GLN B 23 21.80 -8.29 15.67
C GLN B 23 22.10 -6.92 16.28
N ALA B 24 21.05 -6.10 16.43
CA ALA B 24 21.18 -4.78 17.06
C ALA B 24 20.30 -4.74 18.30
N LYS B 25 20.81 -4.07 19.34
CA LYS B 25 20.07 -3.98 20.58
C LYS B 25 19.54 -2.56 20.76
N ILE B 26 18.24 -2.44 21.02
CA ILE B 26 17.62 -1.15 21.14
C ILE B 26 17.09 -0.97 22.56
N SER B 27 17.36 0.22 23.14
CA SER B 27 16.87 0.56 24.46
C SER B 27 16.02 1.84 24.38
N VAL B 28 14.88 1.86 25.06
CA VAL B 28 14.03 3.04 25.12
C VAL B 28 14.62 4.00 26.16
N ILE B 29 14.79 5.29 25.80
CA ILE B 29 15.54 6.23 26.64
C ILE B 29 14.71 6.61 27.87
N ARG B 30 13.40 6.85 27.68
CA ARG B 30 12.52 7.03 28.83
C ARG B 30 11.56 5.84 28.93
N PRO B 31 11.99 4.71 29.56
CA PRO B 31 11.21 3.46 29.48
C PRO B 31 9.97 3.50 30.36
N SER B 32 9.00 2.67 30.00
CA SER B 32 7.83 2.37 30.81
C SER B 32 7.46 0.91 30.56
N LYS B 33 6.39 0.43 31.22
CA LYS B 33 5.89 -0.91 31.00
C LYS B 33 5.46 -1.08 29.55
N GLY B 34 6.01 -2.12 28.91
CA GLY B 34 5.78 -2.43 27.51
C GLY B 34 6.62 -1.59 26.55
N HIS B 35 7.51 -0.74 27.09
CA HIS B 35 8.29 0.17 26.28
C HIS B 35 9.68 0.30 26.87
N GLU B 36 10.42 -0.82 26.86
CA GLU B 36 11.74 -0.88 27.48
C GLU B 36 12.83 -1.18 26.47
N SER B 37 12.60 -2.17 25.60
N SER B 37 12.63 -2.19 25.62
CA SER B 37 13.66 -2.69 24.74
CA SER B 37 13.70 -2.53 24.70
C SER B 37 13.11 -3.17 23.40
C SER B 37 13.15 -3.20 23.44
N CYS B 38 14.00 -3.27 22.41
CA CYS B 38 13.67 -3.85 21.12
C CYS B 38 14.96 -4.42 20.54
N MET B 39 14.84 -5.11 19.41
CA MET B 39 15.99 -5.60 18.67
C MET B 39 15.90 -5.00 17.27
N GLY B 40 16.94 -5.23 16.47
CA GLY B 40 16.92 -4.82 15.07
C GLY B 40 17.99 -5.59 14.32
N ALA B 41 18.19 -5.26 13.03
CA ALA B 41 19.18 -5.97 12.25
C ALA B 41 19.99 -4.97 11.44
N VAL B 42 21.32 -5.17 11.44
CA VAL B 42 22.18 -4.41 10.52
C VAL B 42 21.89 -4.85 9.09
N VAL B 43 21.52 -3.90 8.20
CA VAL B 43 21.21 -4.23 6.81
C VAL B 43 22.13 -3.51 5.84
N SER B 44 22.89 -2.53 6.35
CA SER B 44 23.92 -1.86 5.57
C SER B 44 24.82 -1.09 6.52
N GLU B 45 25.84 -0.42 5.96
CA GLU B 45 26.84 0.30 6.73
CA GLU B 45 26.80 0.18 6.89
C GLU B 45 26.19 1.40 7.55
N TYR B 46 25.04 1.90 7.06
CA TYR B 46 24.42 3.02 7.72
C TYR B 46 23.00 2.75 8.22
N PHE B 47 22.53 1.49 8.15
CA PHE B 47 21.11 1.29 8.47
C PHE B 47 20.87 0.05 9.31
N VAL B 48 19.95 0.21 10.28
CA VAL B 48 19.39 -0.88 11.07
C VAL B 48 17.88 -0.92 10.85
N LEU B 49 17.36 -2.12 10.56
CA LEU B 49 15.94 -2.33 10.34
C LEU B 49 15.33 -2.84 11.64
N THR B 50 14.16 -2.28 11.99
CA THR B 50 13.48 -2.62 13.25
C THR B 50 11.98 -2.42 13.06
N ALA B 51 11.23 -2.47 14.17
CA ALA B 51 9.79 -2.22 14.19
C ALA B 51 9.53 -0.76 14.53
N ALA B 52 8.51 -0.20 13.90
CA ALA B 52 8.16 1.21 14.15
C ALA B 52 7.66 1.43 15.56
N HIS B 53 7.09 0.37 16.19
CA HIS B 53 6.43 0.57 17.46
C HIS B 53 7.47 0.68 18.58
N CYS B 54 8.75 0.51 18.28
CA CYS B 54 9.84 0.63 19.24
C CYS B 54 10.17 2.08 19.60
N PHE B 55 9.65 3.04 18.83
CA PHE B 55 10.01 4.44 19.02
C PHE B 55 8.86 5.23 19.62
N THR B 56 9.15 6.43 20.16
CA THR B 56 8.02 7.29 20.48
C THR B 56 7.63 8.00 19.19
N VAL B 57 6.36 8.39 19.05
CA VAL B 57 5.94 9.08 17.85
C VAL B 57 6.53 10.50 17.80
N ASP B 58 6.69 11.12 18.98
CA ASP B 58 7.28 12.45 19.11
C ASP B 58 8.80 12.35 19.29
N ASP B 59 9.55 13.20 18.58
CA ASP B 59 11.01 13.26 18.68
C ASP B 59 11.60 11.85 18.51
N LYS B 60 11.25 11.14 17.44
CA LYS B 60 11.61 9.73 17.29
C LYS B 60 13.11 9.53 17.44
N GLU B 61 13.91 10.40 16.77
CA GLU B 61 15.34 10.17 16.67
C GLU B 61 16.04 10.21 18.03
N HIS B 62 15.42 10.87 19.02
CA HIS B 62 16.10 10.93 20.31
C HIS B 62 15.38 10.05 21.34
N SER B 63 14.61 9.02 20.88
CA SER B 63 13.74 8.29 21.79
C SER B 63 14.33 6.93 22.20
N ILE B 64 15.37 6.48 21.50
CA ILE B 64 16.00 5.18 21.76
C ILE B 64 17.50 5.35 21.70
N LYS B 65 18.21 4.36 22.24
CA LYS B 65 19.60 4.15 21.93
C LYS B 65 19.75 2.83 21.19
N VAL B 66 20.78 2.75 20.34
CA VAL B 66 21.03 1.51 19.59
C VAL B 66 22.50 1.12 19.71
N SER B 67 22.76 -0.18 19.90
CA SER B 67 24.12 -0.71 19.92
C SER B 67 24.22 -1.92 19.02
N VAL B 68 25.41 -2.18 18.50
CA VAL B 68 25.66 -3.36 17.68
C VAL B 68 26.87 -4.09 18.27
N GLY B 69 27.16 -5.29 17.72
CA GLY B 69 28.36 -6.06 18.06
C GLY B 69 28.48 -6.39 19.54
N GLY B 70 27.41 -6.18 20.32
CA GLY B 70 27.44 -6.41 21.76
C GLY B 70 28.22 -5.31 22.51
N GLU B 71 28.52 -4.20 21.83
CA GLU B 71 29.30 -3.08 22.36
C GLU B 71 28.46 -2.30 23.36
N LYS B 72 29.14 -1.58 24.26
CA LYS B 72 28.47 -0.81 25.29
C LYS B 72 28.00 0.51 24.69
N ARG B 73 28.83 1.08 23.79
CA ARG B 73 28.61 2.39 23.22
C ARG B 73 27.32 2.35 22.38
N ASP B 74 26.64 3.51 22.30
CA ASP B 74 25.43 3.69 21.50
C ASP B 74 25.78 4.51 20.28
N LEU B 75 25.11 4.23 19.17
CA LEU B 75 25.49 4.84 17.90
C LEU B 75 24.63 6.08 17.67
N GLU B 76 25.20 7.10 17.04
CA GLU B 76 24.42 8.31 16.75
C GLU B 76 23.37 8.03 15.67
N ILE B 77 22.11 8.34 16.01
CA ILE B 77 20.98 8.14 15.08
C ILE B 77 20.66 9.44 14.36
N GLU B 78 20.83 9.42 13.03
CA GLU B 78 20.60 10.62 12.25
C GLU B 78 19.12 10.76 11.86
N VAL B 79 18.50 9.69 11.33
CA VAL B 79 17.08 9.76 11.04
CA VAL B 79 17.10 9.73 10.94
C VAL B 79 16.42 8.42 11.36
N VAL B 80 15.13 8.50 11.71
CA VAL B 80 14.25 7.33 11.86
C VAL B 80 13.15 7.44 10.82
N LEU B 81 13.06 6.41 9.98
CA LEU B 81 12.06 6.37 8.92
C LEU B 81 11.02 5.32 9.30
N PHE B 82 9.78 5.73 9.64
CA PHE B 82 8.70 4.76 9.79
C PHE B 82 8.10 4.46 8.42
N HIS B 83 7.64 3.22 8.20
CA HIS B 83 6.84 2.98 7.00
C HIS B 83 5.68 3.96 7.02
N PRO B 84 5.42 4.67 5.90
CA PRO B 84 4.38 5.72 5.89
C PRO B 84 2.97 5.25 6.26
N ASN B 85 2.68 3.94 6.13
CA ASN B 85 1.35 3.44 6.38
C ASN B 85 1.14 3.02 7.84
N TYR B 86 2.21 3.04 8.65
CA TYR B 86 2.12 2.58 10.03
C TYR B 86 1.40 3.63 10.88
N ASN B 87 0.47 3.18 11.72
CA ASN B 87 -0.22 4.06 12.67
C ASN B 87 -0.87 3.16 13.71
N ILE B 88 -0.33 3.15 14.93
CA ILE B 88 -0.72 2.18 15.93
C ILE B 88 -2.17 2.49 16.35
N ASN B 89 -2.57 3.76 16.15
CA ASN B 89 -3.91 4.22 16.52
C ASN B 89 -4.92 4.11 15.39
N GLY B 90 -4.50 3.54 14.25
CA GLY B 90 -5.26 3.62 13.01
C GLY B 90 -6.61 2.92 13.00
N LYS B 91 -6.89 2.03 13.96
CA LYS B 91 -8.13 1.26 13.87
C LYS B 91 -8.88 1.28 15.21
N LYS B 92 -8.63 2.32 16.02
CA LYS B 92 -9.24 2.43 17.34
C LYS B 92 -10.76 2.39 17.20
N GLU B 93 -11.26 3.07 16.17
CA GLU B 93 -12.68 3.13 15.86
C GLU B 93 -13.30 1.74 15.68
N ALA B 94 -12.53 0.82 15.09
CA ALA B 94 -13.03 -0.53 14.83
C ALA B 94 -12.76 -1.48 16.01
N GLY B 95 -12.41 -0.94 17.17
CA GLY B 95 -12.17 -1.72 18.38
C GLY B 95 -10.81 -2.41 18.40
N ILE B 96 -9.85 -1.87 17.66
CA ILE B 96 -8.49 -2.41 17.65
C ILE B 96 -7.60 -1.39 18.34
N PRO B 97 -7.22 -1.65 19.61
CA PRO B 97 -6.52 -0.68 20.44
C PRO B 97 -5.12 -0.33 19.92
N GLU B 98 -4.41 -1.33 19.41
CA GLU B 98 -3.10 -1.11 18.81
C GLU B 98 -3.09 -1.88 17.50
N PHE B 99 -2.73 -1.21 16.40
CA PHE B 99 -2.82 -1.82 15.09
C PHE B 99 -1.40 -1.83 14.52
N TYR B 100 -0.87 -3.05 14.26
CA TYR B 100 0.55 -3.18 13.97
C TYR B 100 0.82 -3.35 12.47
N ASP B 101 -0.18 -3.08 11.62
CA ASP B 101 0.08 -3.09 10.19
C ASP B 101 1.26 -2.18 9.81
N TYR B 102 2.12 -2.67 8.89
CA TYR B 102 3.28 -1.96 8.42
C TYR B 102 4.24 -1.55 9.54
N ASP B 103 4.40 -2.39 10.59
CA ASP B 103 5.22 -2.08 11.74
C ASP B 103 6.72 -2.25 11.45
N VAL B 104 7.28 -1.42 10.57
CA VAL B 104 8.70 -1.49 10.25
C VAL B 104 9.25 -0.07 10.20
N ALA B 105 10.54 0.07 10.55
CA ALA B 105 11.22 1.37 10.56
C ALA B 105 12.71 1.15 10.32
N LEU B 106 13.33 2.16 9.71
CA LEU B 106 14.76 2.09 9.44
C LEU B 106 15.44 3.18 10.27
N ILE B 107 16.51 2.78 10.95
CA ILE B 107 17.37 3.71 11.65
C ILE B 107 18.53 4.02 10.69
N LYS B 108 18.62 5.29 10.24
CA LYS B 108 19.80 5.75 9.55
C LYS B 108 20.84 6.27 10.57
N LEU B 109 22.01 5.67 10.56
CA LEU B 109 23.09 6.04 11.49
C LEU B 109 23.87 7.20 10.86
N LYS B 110 24.39 8.09 11.72
CA LYS B 110 25.21 9.19 11.19
C LYS B 110 26.57 8.68 10.69
N ASN B 111 27.19 7.77 11.45
CA ASN B 111 28.53 7.24 11.16
C ASN B 111 28.44 5.86 10.48
N LYS B 112 29.36 5.61 9.55
CA LYS B 112 29.45 4.33 8.85
C LYS B 112 29.87 3.25 9.82
N LEU B 113 29.15 2.11 9.84
CA LEU B 113 29.64 0.97 10.61
C LEU B 113 30.88 0.38 9.95
N LYS B 114 31.75 -0.20 10.78
CA LYS B 114 32.87 -0.96 10.26
C LYS B 114 32.58 -2.45 10.46
N TYR B 115 32.41 -3.17 9.37
CA TYR B 115 32.12 -4.59 9.48
C TYR B 115 33.35 -5.33 10.01
N GLY B 116 33.12 -6.38 10.81
CA GLY B 116 34.17 -7.14 11.45
C GLY B 116 33.61 -8.48 11.91
N GLN B 117 34.22 -9.07 12.93
CA GLN B 117 33.82 -10.40 13.37
C GLN B 117 32.45 -10.37 14.07
N THR B 118 32.04 -9.22 14.62
CA THR B 118 30.86 -9.15 15.44
C THR B 118 29.83 -8.17 14.89
N ILE B 119 30.16 -7.54 13.76
CA ILE B 119 29.27 -6.58 13.10
C ILE B 119 29.23 -6.90 11.61
N ARG B 120 28.08 -7.40 11.12
CA ARG B 120 27.96 -7.76 9.71
C ARG B 120 26.50 -7.58 9.29
N PRO B 121 26.22 -7.35 8.01
CA PRO B 121 24.84 -7.21 7.55
C PRO B 121 24.15 -8.55 7.27
N ILE B 122 22.84 -8.56 7.51
CA ILE B 122 22.04 -9.71 7.11
C ILE B 122 21.55 -9.47 5.69
N CYS B 123 21.26 -10.54 4.95
CA CYS B 123 20.76 -10.35 3.60
C CYS B 123 19.29 -9.94 3.63
N LEU B 124 18.87 -9.12 2.65
CA LEU B 124 17.44 -8.77 2.56
C LEU B 124 16.83 -9.43 1.32
N PRO B 125 15.50 -9.67 1.29
CA PRO B 125 14.88 -10.31 0.12
C PRO B 125 14.97 -9.44 -1.11
N CYS B 126 15.05 -10.11 -2.27
CA CYS B 126 15.02 -9.46 -3.57
C CYS B 126 16.18 -8.49 -3.77
N THR B 127 17.36 -8.95 -3.33
CA THR B 127 18.61 -8.24 -3.58
C THR B 127 19.60 -9.20 -4.24
N GLU B 128 20.62 -8.61 -4.87
CA GLU B 128 21.73 -9.38 -5.44
C GLU B 128 22.50 -10.06 -4.33
N GLY B 129 22.55 -9.44 -3.14
CA GLY B 129 23.18 -10.08 -2.00
C GLY B 129 22.58 -11.46 -1.71
N THR B 130 21.24 -11.54 -1.74
CA THR B 130 20.57 -12.79 -1.46
C THR B 130 20.80 -13.79 -2.61
N THR B 131 20.75 -13.33 -3.86
CA THR B 131 21.08 -14.30 -4.90
C THR B 131 22.49 -14.87 -4.76
N ARG B 132 23.49 -14.08 -4.36
CA ARG B 132 24.84 -14.62 -4.24
C ARG B 132 24.92 -15.53 -3.02
N ALA B 133 24.27 -15.12 -1.92
CA ALA B 133 24.22 -15.93 -0.72
C ALA B 133 23.62 -17.32 -0.98
N LEU B 134 22.52 -17.36 -1.73
CA LEU B 134 21.84 -18.61 -2.02
C LEU B 134 22.45 -19.31 -3.24
N ARG B 135 23.51 -18.75 -3.83
CA ARG B 135 24.19 -19.37 -4.96
C ARG B 135 23.19 -19.64 -6.07
N LEU B 136 22.34 -18.64 -6.38
CA LEU B 136 21.36 -18.76 -7.45
C LEU B 136 21.91 -18.04 -8.69
N PRO B 137 21.35 -18.30 -9.90
CA PRO B 137 21.88 -17.69 -11.12
C PRO B 137 21.63 -16.18 -11.21
N PRO B 138 22.45 -15.42 -11.98
CA PRO B 138 22.33 -13.97 -11.99
C PRO B 138 21.00 -13.45 -12.51
N THR B 139 20.26 -14.29 -13.25
CA THR B 139 18.97 -13.90 -13.79
C THR B 139 17.83 -14.15 -12.78
N THR B 140 18.16 -14.62 -11.58
CA THR B 140 17.15 -14.80 -10.52
C THR B 140 16.29 -13.54 -10.37
N THR B 141 14.97 -13.75 -10.27
CA THR B 141 14.01 -12.66 -10.08
C THR B 141 13.59 -12.61 -8.62
N CYS B 142 12.92 -11.52 -8.27
CA CYS B 142 12.36 -11.36 -6.92
C CYS B 142 11.34 -12.47 -6.63
N GLN B 143 10.49 -12.77 -7.62
CA GLN B 143 9.51 -13.84 -7.49
C GLN B 143 10.19 -15.17 -7.21
N GLN B 144 11.34 -15.41 -7.86
CA GLN B 144 12.01 -16.69 -7.66
C GLN B 144 12.59 -16.76 -6.24
N GLN B 145 13.08 -15.63 -5.73
CA GLN B 145 13.62 -15.62 -4.37
C GLN B 145 12.51 -15.89 -3.36
N LYS B 146 11.33 -15.30 -3.63
CA LYS B 146 10.16 -15.50 -2.79
C LYS B 146 9.77 -16.98 -2.74
N GLU B 147 9.84 -17.67 -3.90
CA GLU B 147 9.53 -19.08 -4.00
C GLU B 147 10.55 -19.93 -3.25
N GLU B 148 11.82 -19.51 -3.30
CA GLU B 148 12.87 -20.19 -2.57
C GLU B 148 12.70 -20.02 -1.06
N LEU B 149 12.32 -18.80 -0.62
CA LEU B 149 12.47 -18.45 0.79
C LEU B 149 11.17 -18.66 1.57
N LEU B 150 10.07 -18.37 0.90
CA LEU B 150 8.77 -18.50 1.54
C LEU B 150 7.86 -19.34 0.65
N PRO B 151 8.15 -20.65 0.47
CA PRO B 151 7.21 -21.52 -0.26
C PRO B 151 5.92 -21.69 0.55
N ALA B 152 4.84 -22.14 -0.11
CA ALA B 152 3.54 -22.32 0.54
C ALA B 152 3.51 -23.61 1.36
N GLN B 153 4.19 -23.61 2.50
CA GLN B 153 4.28 -24.77 3.39
C GLN B 153 4.74 -24.24 4.75
N ASP B 154 5.00 -25.15 5.69
CA ASP B 154 5.61 -24.78 6.96
C ASP B 154 7.10 -24.57 6.75
N ILE B 155 7.58 -23.36 7.11
CA ILE B 155 8.95 -22.96 6.81
C ILE B 155 9.75 -22.89 8.10
N LYS B 156 10.84 -23.67 8.18
CA LYS B 156 11.67 -23.57 9.38
C LYS B 156 12.43 -22.24 9.33
N ALA B 157 12.47 -21.56 10.47
CA ALA B 157 13.00 -20.20 10.58
C ALA B 157 13.58 -20.02 11.97
N LEU B 158 14.11 -18.84 12.27
CA LEU B 158 14.65 -18.61 13.61
C LEU B 158 14.53 -17.12 13.94
N PHE B 159 14.54 -16.82 15.24
CA PHE B 159 14.80 -15.45 15.68
C PHE B 159 15.75 -15.52 16.87
N VAL B 160 16.21 -14.34 17.31
CA VAL B 160 17.23 -14.24 18.36
C VAL B 160 16.70 -13.37 19.51
N SER B 161 16.85 -13.85 20.76
CA SER B 161 16.47 -13.17 21.99
C SER B 161 17.73 -12.76 22.77
N GLU B 162 17.68 -11.65 23.53
CA GLU B 162 18.91 -11.04 24.07
C GLU B 162 18.73 -10.71 25.54
N GLU B 163 19.83 -10.88 26.30
CA GLU B 163 19.90 -10.59 27.72
C GLU B 163 21.35 -10.44 28.18
N GLU B 164 21.69 -9.22 28.62
CA GLU B 164 22.97 -8.94 29.27
C GLU B 164 24.09 -9.20 28.26
N LYS B 165 23.96 -8.59 27.08
CA LYS B 165 24.96 -8.62 26.02
C LYS B 165 25.33 -10.06 25.69
N LYS B 166 23.98 -11.82 26.29
CA LYS B 166 23.79 -13.16 25.69
C LYS B 166 22.68 -13.16 24.64
N LEU B 167 22.97 -13.73 23.46
CA LEU B 167 21.97 -13.96 22.45
C LEU B 167 21.60 -15.43 22.46
N THR B 168 20.30 -15.73 22.30
CA THR B 168 19.90 -17.12 22.18
C THR B 168 19.04 -17.27 20.92
N ARG B 169 19.41 -18.24 20.10
CA ARG B 169 18.69 -18.62 18.90
C ARG B 169 17.45 -19.43 19.26
N LYS B 170 16.31 -19.01 18.71
CA LYS B 170 15.05 -19.72 18.91
C LYS B 170 14.52 -20.18 17.56
N GLU B 171 14.26 -21.48 17.42
CA GLU B 171 13.89 -21.98 16.10
C GLU B 171 12.38 -22.10 16.05
N VAL B 172 11.78 -21.61 14.94
CA VAL B 172 10.33 -21.56 14.80
C VAL B 172 9.93 -22.11 13.43
N TYR B 173 8.61 -22.17 13.19
CA TYR B 173 8.09 -22.47 11.87
C TYR B 173 7.11 -21.37 11.45
N ILE B 174 7.33 -20.82 10.25
CA ILE B 174 6.35 -19.96 9.60
C ILE B 174 5.24 -20.79 8.96
N LYS B 175 4.00 -20.52 9.34
CA LYS B 175 2.90 -21.33 8.83
C LYS B 175 2.45 -20.72 7.53
N ASN B 176 3.01 -21.19 6.40
CA ASN B 176 2.69 -20.50 5.16
C ASN B 176 1.95 -21.43 4.18
N GLY B 177 1.49 -22.57 4.68
CA GLY B 177 0.68 -23.45 3.83
C GLY B 177 -0.69 -23.64 4.47
N ASP B 178 -1.07 -24.90 4.64
CA ASP B 178 -2.36 -25.36 5.13
C ASP B 178 -2.70 -24.83 6.50
N LYS B 179 -1.68 -24.49 7.31
CA LYS B 179 -1.93 -24.06 8.68
C LYS B 179 -2.02 -22.53 8.80
N LYS B 180 -1.83 -21.80 7.69
CA LYS B 180 -1.73 -20.35 7.75
C LYS B 180 -3.02 -19.73 8.32
N GLY B 181 -4.18 -20.17 7.80
CA GLY B 181 -5.43 -19.63 8.33
C GLY B 181 -5.61 -19.86 9.84
N SER B 182 -5.31 -21.08 10.32
CA SER B 182 -5.42 -21.40 11.74
C SER B 182 -4.49 -20.51 12.54
N CYS B 183 -3.27 -20.28 12.02
CA CYS B 183 -2.30 -19.49 12.76
C CYS B 183 -2.86 -18.07 12.89
N GLU B 184 -3.34 -17.51 11.76
CA GLU B 184 -3.85 -16.14 11.75
C GLU B 184 -5.06 -15.97 12.66
N ARG B 185 -6.00 -16.93 12.61
CA ARG B 185 -7.23 -16.82 13.38
C ARG B 185 -6.93 -16.77 14.88
N ASP B 186 -5.77 -17.33 15.29
CA ASP B 186 -5.40 -17.37 16.71
C ASP B 186 -5.05 -15.98 17.25
N ALA B 187 -5.00 -14.96 16.39
CA ALA B 187 -4.87 -13.58 16.86
C ALA B 187 -5.98 -13.23 17.86
N GLN B 188 -7.11 -13.95 17.78
CA GLN B 188 -8.25 -13.63 18.63
C GLN B 188 -7.97 -13.95 20.10
N TYR B 189 -6.89 -14.70 20.40
CA TYR B 189 -6.48 -15.00 21.77
C TYR B 189 -5.68 -13.87 22.41
N ALA B 190 -5.25 -12.89 21.60
CA ALA B 190 -4.44 -11.82 22.15
C ALA B 190 -5.34 -10.91 22.99
N PRO B 191 -4.89 -10.51 24.19
CA PRO B 191 -5.66 -9.50 24.94
C PRO B 191 -5.93 -8.27 24.09
N GLY B 192 -7.18 -7.81 24.07
CA GLY B 192 -7.56 -6.65 23.29
C GLY B 192 -8.05 -7.00 21.89
N TYR B 193 -7.85 -8.25 21.43
CA TYR B 193 -8.17 -8.58 20.06
C TYR B 193 -9.36 -9.53 19.95
N ASP B 194 -10.05 -9.74 21.06
CA ASP B 194 -11.18 -10.66 21.12
C ASP B 194 -12.44 -10.06 20.50
N LYS B 195 -12.52 -8.73 20.34
CA LYS B 195 -13.78 -8.04 20.06
C LYS B 195 -13.99 -7.80 18.56
N VAL B 196 -12.90 -7.72 17.80
CA VAL B 196 -12.96 -7.41 16.37
C VAL B 196 -13.72 -8.51 15.63
N LYS B 197 -14.71 -8.13 14.82
CA LYS B 197 -15.57 -9.09 14.14
C LYS B 197 -14.77 -9.94 13.14
N ASP B 198 -14.01 -9.29 12.27
CA ASP B 198 -13.25 -10.00 11.26
C ASP B 198 -11.77 -9.90 11.64
N ILE B 199 -11.12 -11.05 11.86
CA ILE B 199 -9.76 -11.06 12.39
C ILE B 199 -8.76 -10.55 11.34
N SER B 200 -9.14 -10.61 10.07
CA SER B 200 -8.23 -10.12 9.05
C SER B 200 -8.08 -8.60 9.17
N GLU B 201 -8.95 -7.98 9.95
CA GLU B 201 -8.76 -6.57 10.18
C GLU B 201 -7.51 -6.36 11.01
N VAL B 202 -7.15 -7.34 11.86
CA VAL B 202 -5.93 -7.21 12.65
C VAL B 202 -4.76 -7.88 11.96
N VAL B 203 -5.01 -9.01 11.30
CA VAL B 203 -3.91 -9.77 10.71
C VAL B 203 -4.00 -9.55 9.20
N THR B 204 -3.27 -8.54 8.73
CA THR B 204 -3.42 -8.11 7.35
C THR B 204 -2.48 -8.92 6.47
N PRO B 205 -2.51 -8.72 5.13
CA PRO B 205 -1.58 -9.39 4.23
C PRO B 205 -0.10 -9.03 4.45
N ARG B 206 0.19 -8.07 5.35
CA ARG B 206 1.59 -7.75 5.65
C ARG B 206 2.25 -8.77 6.58
N PHE B 207 1.50 -9.70 7.22
CA PHE B 207 2.07 -10.53 8.28
C PHE B 207 2.34 -11.99 7.91
N LEU B 208 3.44 -12.49 8.47
CA LEU B 208 3.74 -13.92 8.56
C LEU B 208 3.43 -14.34 10.00
N CYS B 209 3.22 -15.66 10.22
CA CYS B 209 2.72 -16.13 11.50
C CYS B 209 3.56 -17.33 11.90
N THR B 210 4.15 -17.30 13.13
CA THR B 210 4.82 -18.45 13.71
C THR B 210 4.17 -18.81 15.05
N GLY B 211 4.71 -19.82 15.76
CA GLY B 211 4.19 -20.17 17.07
C GLY B 211 3.26 -21.37 17.00
N GLY B 212 2.88 -21.88 18.17
CA GLY B 212 1.99 -23.03 18.29
C GLY B 212 2.78 -24.34 18.40
N VAL B 213 2.08 -25.46 18.13
CA VAL B 213 2.63 -26.74 18.52
C VAL B 213 2.67 -27.72 17.34
N SER B 214 2.20 -27.33 16.15
CA SER B 214 2.43 -28.16 14.98
C SER B 214 3.11 -27.29 13.91
N PRO B 215 4.04 -27.81 13.09
CA PRO B 215 4.47 -29.22 13.14
C PRO B 215 5.37 -29.61 14.32
N TYR B 216 5.93 -28.61 15.00
CA TYR B 216 6.74 -28.81 16.18
C TYR B 216 6.30 -27.74 17.19
N ALA B 217 6.85 -27.83 18.39
CA ALA B 217 6.58 -26.84 19.42
C ALA B 217 7.52 -25.65 19.25
N ASP B 218 6.95 -24.49 18.90
CA ASP B 218 7.72 -23.28 18.71
C ASP B 218 7.86 -22.49 20.02
N PRO B 219 9.04 -21.94 20.31
CA PRO B 219 9.18 -20.92 21.36
C PRO B 219 8.50 -19.64 20.87
N ASN B 220 8.04 -18.82 21.82
CA ASN B 220 7.37 -17.56 21.55
C ASN B 220 8.28 -16.35 21.81
N THR B 221 7.88 -15.21 21.21
CA THR B 221 8.61 -13.97 21.45
C THR B 221 8.12 -13.31 22.74
N CYS B 222 8.96 -12.40 23.28
CA CYS B 222 8.55 -11.43 24.30
C CYS B 222 8.57 -10.03 23.70
N ARG B 223 7.99 -9.04 24.41
CA ARG B 223 7.92 -7.68 23.91
CA ARG B 223 7.93 -7.68 23.93
C ARG B 223 9.31 -7.19 23.53
N GLY B 224 10.35 -7.57 24.29
CA GLY B 224 11.70 -7.07 24.10
C GLY B 224 12.34 -7.55 22.79
N ASP B 225 11.71 -8.57 22.16
CA ASP B 225 12.22 -9.12 20.91
C ASP B 225 11.68 -8.34 19.70
N SER B 226 10.71 -7.47 19.95
CA SER B 226 10.11 -6.63 18.90
C SER B 226 11.19 -6.00 18.03
N GLY B 227 10.97 -6.03 16.71
CA GLY B 227 11.88 -5.37 15.76
C GLY B 227 13.04 -6.26 15.31
N GLY B 228 13.26 -7.38 16.03
CA GLY B 228 14.36 -8.30 15.66
C GLY B 228 14.01 -9.05 14.37
N PRO B 229 15.03 -9.56 13.63
CA PRO B 229 14.80 -10.23 12.36
C PRO B 229 14.26 -11.65 12.53
N LEU B 230 13.28 -11.99 11.70
CA LEU B 230 12.86 -13.38 11.53
C LEU B 230 13.65 -13.85 10.32
N ILE B 231 14.40 -14.93 10.51
CA ILE B 231 15.49 -15.32 9.60
C ILE B 231 15.24 -16.72 9.07
N VAL B 232 15.55 -16.94 7.78
CA VAL B 232 15.70 -18.26 7.20
C VAL B 232 17.19 -18.57 7.05
N HIS B 233 17.59 -19.77 7.48
CA HIS B 233 18.98 -20.21 7.39
C HIS B 233 19.05 -21.23 6.25
N LYS B 234 19.70 -20.86 5.15
CA LYS B 234 19.75 -21.76 4.01
C LYS B 234 21.19 -21.82 3.53
N ARG B 235 21.67 -23.07 3.40
CA ARG B 235 23.02 -23.37 2.94
C ARG B 235 24.01 -22.40 3.55
N SER B 236 24.06 -22.47 4.89
CA SER B 236 25.03 -21.78 5.71
C SER B 236 24.94 -20.26 5.54
N ARG B 237 23.82 -19.72 5.02
CA ARG B 237 23.70 -18.25 4.99
C ARG B 237 22.38 -17.83 5.65
N PHE B 238 22.31 -16.57 6.09
CA PHE B 238 21.14 -16.13 6.85
C PHE B 238 20.44 -14.99 6.13
N ILE B 239 19.13 -15.16 5.84
CA ILE B 239 18.40 -14.20 5.04
C ILE B 239 17.24 -13.71 5.90
N GLN B 240 17.09 -12.38 6.01
CA GLN B 240 15.97 -11.89 6.79
C GLN B 240 14.69 -11.93 5.96
N VAL B 241 13.60 -12.50 6.51
CA VAL B 241 12.33 -12.54 5.78
C VAL B 241 11.27 -11.71 6.49
N GLY B 242 11.51 -11.39 7.76
CA GLY B 242 10.47 -10.63 8.46
C GLY B 242 11.04 -9.80 9.61
N VAL B 243 10.20 -8.96 10.20
CA VAL B 243 10.53 -8.17 11.39
C VAL B 243 9.51 -8.56 12.47
N ILE B 244 10.00 -8.93 13.66
CA ILE B 244 9.08 -9.36 14.73
C ILE B 244 8.21 -8.17 15.16
N SER B 245 6.89 -8.38 15.16
CA SER B 245 5.97 -7.26 15.40
C SER B 245 5.22 -7.46 16.72
N TRP B 246 4.45 -8.55 16.85
CA TRP B 246 3.61 -8.67 18.05
C TRP B 246 3.26 -10.12 18.32
N GLY B 247 2.90 -10.41 19.58
CA GLY B 247 2.64 -11.79 19.96
C GLY B 247 1.34 -11.92 20.75
N VAL B 248 0.85 -13.16 20.79
CA VAL B 248 -0.39 -13.46 21.53
C VAL B 248 -0.09 -13.59 23.03
N VAL B 249 1.05 -14.19 23.36
CA VAL B 249 1.43 -14.47 24.74
CA VAL B 249 1.42 -14.45 24.75
C VAL B 249 2.82 -13.91 25.02
N ASP B 250 2.99 -13.15 26.12
CA ASP B 250 4.33 -12.71 26.47
C ASP B 250 4.89 -13.70 27.49
N VAL B 251 5.80 -14.56 27.03
CA VAL B 251 6.25 -15.71 27.81
C VAL B 251 7.35 -15.27 28.78
N CYS B 252 7.75 -14.00 28.73
CA CYS B 252 8.70 -13.44 29.67
C CYS B 252 7.98 -12.99 30.94
N LYS B 253 6.65 -12.87 30.87
CA LYS B 253 5.79 -12.73 32.03
C LYS B 253 5.09 -14.07 32.31
N VAL B 261 -2.60 -20.67 26.85
CA VAL B 261 -3.22 -21.22 25.60
C VAL B 261 -2.16 -21.68 24.61
N PRO B 262 -1.41 -22.77 24.92
CA PRO B 262 -0.22 -23.10 24.16
C PRO B 262 -0.50 -23.48 22.70
N ALA B 263 -1.67 -24.07 22.42
CA ALA B 263 -1.98 -24.46 21.03
C ALA B 263 -2.17 -23.24 20.13
N HIS B 264 -2.45 -22.08 20.75
CA HIS B 264 -2.86 -20.93 19.97
C HIS B 264 -1.87 -19.76 20.13
N ALA B 265 -0.73 -20.02 20.78
CA ALA B 265 0.17 -18.93 21.11
C ALA B 265 1.03 -18.60 19.88
N ARG B 266 0.57 -17.59 19.13
CA ARG B 266 1.24 -17.30 17.85
C ARG B 266 2.03 -16.00 17.96
N ASP B 267 3.01 -15.83 17.05
CA ASP B 267 3.72 -14.58 16.90
C ASP B 267 3.54 -14.08 15.49
N PHE B 268 3.48 -12.74 15.33
CA PHE B 268 3.21 -12.16 14.02
C PHE B 268 4.34 -11.23 13.62
N HIS B 269 4.71 -11.27 12.32
CA HIS B 269 5.94 -10.65 11.85
C HIS B 269 5.60 -9.93 10.57
N ILE B 270 6.18 -8.73 10.38
CA ILE B 270 5.99 -8.06 9.09
C ILE B 270 6.82 -8.79 8.03
N ASN B 271 6.14 -9.22 6.97
CA ASN B 271 6.77 -9.93 5.87
C ASN B 271 7.53 -8.91 5.00
N LEU B 272 8.84 -9.04 4.87
CA LEU B 272 9.59 -8.02 4.14
C LEU B 272 9.26 -8.03 2.65
N PHE B 273 8.78 -9.16 2.11
CA PHE B 273 8.31 -9.16 0.73
C PHE B 273 7.12 -8.21 0.56
N GLN B 274 6.40 -7.90 1.64
CA GLN B 274 5.20 -7.09 1.52
C GLN B 274 5.50 -5.60 1.74
N VAL B 275 6.74 -5.26 2.13
CA VAL B 275 7.10 -3.85 2.23
C VAL B 275 8.30 -3.54 1.33
N LEU B 276 8.46 -4.34 0.27
CA LEU B 276 9.64 -4.15 -0.57
C LEU B 276 9.71 -2.79 -1.25
N PRO B 277 8.62 -2.20 -1.81
CA PRO B 277 8.73 -0.89 -2.43
C PRO B 277 9.37 0.13 -1.48
N TRP B 278 8.96 0.07 -0.20
CA TRP B 278 9.51 0.99 0.79
C TRP B 278 10.99 0.71 1.06
N LEU B 279 11.36 -0.56 1.32
CA LEU B 279 12.76 -0.91 1.60
C LEU B 279 13.64 -0.48 0.44
N LYS B 280 13.19 -0.79 -0.78
CA LYS B 280 13.99 -0.55 -1.98
C LYS B 280 14.24 0.95 -2.14
N GLU B 281 13.21 1.76 -1.90
CA GLU B 281 13.35 3.20 -2.06
C GLU B 281 14.27 3.78 -0.97
N LYS B 282 14.02 3.43 0.29
CA LYS B 282 14.77 4.04 1.39
C LYS B 282 16.22 3.61 1.42
N LEU B 283 16.49 2.40 0.88
CA LEU B 283 17.84 1.85 0.91
C LEU B 283 18.48 1.98 -0.46
N GLN B 284 17.90 2.81 -1.35
CA GLN B 284 18.34 2.86 -2.73
C GLN B 284 19.79 3.32 -2.86
N ASP B 285 20.35 4.02 -1.85
CA ASP B 285 21.73 4.49 -1.97
C ASP B 285 22.68 3.72 -1.06
N GLU B 286 22.32 2.48 -0.69
CA GLU B 286 23.16 1.69 0.17
C GLU B 286 23.91 0.58 -0.58
N ASP B 287 23.81 0.56 -1.92
CA ASP B 287 24.54 -0.42 -2.73
C ASP B 287 24.20 -1.85 -2.32
N LEU B 288 22.91 -2.13 -2.08
CA LEU B 288 22.51 -3.50 -1.79
C LEU B 288 21.99 -4.25 -3.02
N GLY B 289 21.88 -3.57 -4.14
CA GLY B 289 21.48 -4.20 -5.40
C GLY B 289 20.08 -4.81 -5.39
N PHE B 290 19.06 -3.99 -5.07
CA PHE B 290 17.70 -4.49 -5.12
C PHE B 290 17.41 -4.88 -6.56
N LEU B 291 16.73 -6.00 -6.74
CA LEU B 291 16.28 -6.40 -8.07
C LEU B 291 15.12 -5.49 -8.52
S SO4 C . -12.16 -15.52 -3.77
O1 SO4 C . -11.67 -16.81 -3.34
O2 SO4 C . -13.31 -15.13 -2.99
O3 SO4 C . -12.55 -15.62 -5.16
O4 SO4 C . -11.11 -14.55 -3.63
S SO4 D . -15.82 28.62 -24.96
O1 SO4 D . -16.36 27.46 -25.65
O2 SO4 D . -14.63 28.26 -24.26
O3 SO4 D . -15.50 29.65 -25.93
O4 SO4 D . -16.79 29.12 -24.01
C1 MVW E . -3.40 -2.28 -18.74
C2 MVW E . -8.11 1.51 -20.54
C3 MVW E . -7.14 0.72 -21.19
C11 MVW E . -4.75 0.02 -21.74
C13 MVW E . -3.94 2.34 -19.93
C14 MVW E . -8.82 3.42 -18.87
C15 MVW E . -3.77 -1.00 -19.56
C16 MVW E . -3.60 -2.35 -21.61
C17 MVW E . -3.43 -3.63 -20.78
C18 MVW E . -2.54 -3.29 -19.58
C19 MVW E . -4.36 -2.78 -22.85
C20 MVW E . -3.78 -2.63 -24.13
C21 MVW E . -4.51 -3.00 -25.28
C22 MVW E . -5.81 -3.51 -25.14
C23 MVW E . -6.38 -3.69 -23.87
C24 MVW E . -5.66 -3.31 -22.72
C4 MVW E . -7.92 -0.32 -21.98
C5 MVW E . -9.24 -0.02 -21.75
N6 MVW E . -9.34 1.04 -20.90
C7 MVW E . -6.37 2.82 -19.52
C8 MVW E . -5.42 2.03 -20.16
C9 MVW E . -5.79 0.95 -21.02
C10 MVW E . -7.76 2.56 -19.64
N12 MVW E . -4.38 -1.23 -20.91
S SO4 F . 8.94 -30.83 19.55
O1 SO4 F . 10.03 -31.52 18.87
O2 SO4 F . 8.80 -31.38 20.88
O3 SO4 F . 7.70 -30.99 18.82
O4 SO4 F . 9.24 -29.43 19.62
S SO4 G . -8.26 -22.25 6.46
O1 SO4 G . -9.54 -22.86 6.18
O2 SO4 G . -7.76 -22.76 7.72
O3 SO4 G . -7.35 -22.56 5.37
O4 SO4 G . -8.42 -20.82 6.53
S SO4 H . 14.39 -23.72 20.98
O1 SO4 H . 13.18 -24.49 20.82
O2 SO4 H . 15.42 -24.56 21.53
O3 SO4 H . 14.81 -23.22 19.70
O4 SO4 H . 14.13 -22.62 21.88
ZN ZN I . -6.07 -21.97 17.41
ZN ZN J . 20.13 14.86 17.77
C1 MVW K . -0.76 -7.53 20.64
C2 MVW K . 5.16 -9.49 21.84
C3 MVW K . 4.04 -9.15 22.58
C11 MVW K . 2.18 -7.61 23.40
C13 MVW K . 3.54 -5.50 21.52
C14 MVW K . 6.95 -8.96 20.13
C15 MVW K . 0.54 -7.08 21.39
C16 MVW K . -0.46 -7.85 23.49
C17 MVW K . -1.73 -8.29 22.74
C18 MVW K . -2.02 -7.34 21.54
C19 MVW K . -0.33 -8.67 24.77
C20 MVW K . -0.47 -8.04 26.02
C21 MVW K . -0.31 -8.78 27.20
C22 MVW K . -0.02 -10.15 27.13
C23 MVW K . 0.13 -10.77 25.88
C24 MVW K . -0.03 -10.03 24.70
C4 MVW K . 3.75 -10.44 23.32
C5 MVW K . 4.69 -11.35 22.95
N6 MVW K . 5.52 -10.79 22.09
C7 MVW K . 5.20 -7.28 20.94
C8 MVW K . 4.08 -6.93 21.72
C9 MVW K . 3.44 -7.88 22.55
C10 MVW K . 5.75 -8.58 20.98
N12 MVW K . 0.84 -7.86 22.65
#